data_6S9W
#
_entry.id   6S9W
#
_cell.length_a   70.070
_cell.length_b   71.030
_cell.length_c   91.340
_cell.angle_alpha   90.000
_cell.angle_beta   90.000
_cell.angle_gamma   90.000
#
_symmetry.space_group_name_H-M   'P 21 21 21'
#
loop_
_entity.id
_entity.type
_entity.pdbx_description
1 polymer 'RAC-alpha serine/threonine-protein kinase'
2 non-polymer ~{N}-[3-[1-[[4-(5-methyl-6-oxidanylidene-3-phenyl-1~{H}-pyrazin-2-yl)phenyl]methyl]piperidin-4-yl]-2-oxidanylidene-1~{H}-benzimidazol-5-yl]propanamide
3 water water
#
_entity_poly.entity_id   1
_entity_poly.type   'polypeptide(L)'
_entity_poly.pdbx_seq_one_letter_code
;GSDVAIVKEGWLHKRGEYIKTWRPRYFLLKNDGTFIGYKERPQDVDQREAPLNNFSVAQCQLMKTERPRPNTFIIRCLQW
TTVIERTFHVETPEEREEWTTAIQTVADGLKKQAAAEMDFRSGSPSDNSGAEEMEVSLAKPKHRVTMNEFEYLKLLGKGT
FGKVILVKEKATGRYYAMKILKKEVIVAKDEVAHTLTENRVLQNSRHPFLTALKYSFQTHDRLCFVMEYANGGELFFHLS
RERVFSEDRARFYGAEIVSALDYLHSEKNVVYRDLKLENLMLDKDGHIKITDFGLCKEGIKDGATMKTFCGTPEYLAPEV
LEDNDYGRAVDWWGLGVVMYEMMCGRLPFYNQDHEKLFELILMEEIRFPRTLGPEAKSLLSGLLKKDPKQRLGGGSEDAK
EIMQHRFFAGIVWQHVYEKKLSPPFKPQVTSETDTRYFDEEFTAQM
;
_entity_poly.pdbx_strand_id   A
#
loop_
_chem_comp.id
_chem_comp.type
_chem_comp.name
_chem_comp.formula
L1Z non-polymer ~{N}-[3-[1-[[4-(5-methyl-6-oxidanylidene-3-phenyl-1~{H}-pyrazin-2-yl)phenyl]methyl]piperidin-4-yl]-2-oxidanylidene-1~{H}-benzimidazol-5-yl]propanamide 'C33 H34 N6 O3'
#
# COMPACT_ATOMS: atom_id res chain seq x y z
N ASP A 3 -3.27 12.50 26.36
CA ASP A 3 -4.65 12.40 26.82
C ASP A 3 -5.49 11.56 25.85
N VAL A 4 -4.86 10.55 25.25
CA VAL A 4 -5.57 9.67 24.32
C VAL A 4 -6.47 8.74 25.13
N ALA A 5 -7.77 8.76 24.82
CA ALA A 5 -8.74 7.94 25.53
C ALA A 5 -9.73 7.36 24.53
N ILE A 6 -10.43 6.31 24.99
CA ILE A 6 -11.45 5.66 24.17
C ILE A 6 -12.76 6.42 24.32
N VAL A 7 -13.31 6.89 23.21
CA VAL A 7 -14.60 7.56 23.25
C VAL A 7 -15.76 6.58 23.07
N LYS A 8 -15.57 5.52 22.28
CA LYS A 8 -16.59 4.50 22.14
C LYS A 8 -15.94 3.19 21.75
N GLU A 9 -16.54 2.09 22.18
CA GLU A 9 -16.08 0.76 21.84
C GLU A 9 -17.24 -0.22 21.93
N GLY A 10 -17.08 -1.35 21.25
CA GLY A 10 -18.12 -2.35 21.21
C GLY A 10 -17.90 -3.29 20.04
N TRP A 11 -18.85 -4.20 19.89
CA TRP A 11 -18.79 -5.21 18.84
C TRP A 11 -19.47 -4.71 17.57
N LEU A 12 -18.81 -4.92 16.43
CA LEU A 12 -19.33 -4.57 15.13
C LEU A 12 -19.26 -5.78 14.21
N HIS A 13 -19.85 -5.62 13.03
CA HIS A 13 -19.65 -6.55 11.92
C HIS A 13 -18.92 -5.80 10.81
N LYS A 14 -17.71 -6.24 10.49
CA LYS A 14 -16.89 -5.59 9.47
C LYS A 14 -16.72 -6.52 8.29
N ARG A 15 -16.90 -5.96 7.09
CA ARG A 15 -16.70 -6.74 5.87
C ARG A 15 -15.22 -6.83 5.55
N GLY A 16 -14.78 -8.02 5.14
CA GLY A 16 -13.37 -8.23 4.86
C GLY A 16 -12.91 -7.34 3.71
N GLU A 17 -11.68 -6.85 3.82
CA GLU A 17 -11.18 -5.92 2.82
C GLU A 17 -10.75 -6.64 1.55
N TYR A 18 -10.17 -7.83 1.68
CA TYR A 18 -9.75 -8.62 0.52
C TYR A 18 -10.56 -9.88 0.32
N ILE A 19 -11.07 -10.49 1.39
CA ILE A 19 -12.04 -11.57 1.30
C ILE A 19 -13.36 -11.02 1.84
N LYS A 20 -14.33 -10.83 0.95
CA LYS A 20 -15.53 -10.03 1.24
C LYS A 20 -16.57 -10.89 1.96
N THR A 21 -16.34 -11.07 3.26
CA THR A 21 -17.33 -11.69 4.15
C THR A 21 -17.35 -10.90 5.45
N TRP A 22 -18.51 -10.91 6.11
CA TRP A 22 -18.67 -10.19 7.36
C TRP A 22 -18.07 -10.98 8.52
N ARG A 23 -17.44 -10.27 9.45
CA ARG A 23 -16.85 -10.89 10.63
C ARG A 23 -17.11 -10.02 11.85
N PRO A 24 -17.42 -10.63 12.99
CA PRO A 24 -17.56 -9.86 14.24
C PRO A 24 -16.20 -9.36 14.70
N ARG A 25 -16.13 -8.06 15.00
CA ARG A 25 -14.90 -7.44 15.46
C ARG A 25 -15.22 -6.48 16.60
N TYR A 26 -14.29 -6.40 17.56
CA TYR A 26 -14.41 -5.46 18.67
C TYR A 26 -13.60 -4.22 18.31
N PHE A 27 -14.27 -3.10 18.11
CA PHE A 27 -13.66 -1.90 17.60
C PHE A 27 -13.46 -0.86 18.69
N LEU A 28 -12.36 -0.13 18.61
CA LEU A 28 -12.00 0.93 19.54
C LEU A 28 -11.97 2.25 18.79
N LEU A 29 -12.76 3.22 19.24
CA LEU A 29 -12.71 4.58 18.72
C LEU A 29 -12.03 5.45 19.77
N LYS A 30 -10.95 6.12 19.37
CA LYS A 30 -10.17 6.96 20.27
C LYS A 30 -10.22 8.42 19.81
N ASN A 31 -9.94 9.32 20.76
CA ASN A 31 -10.02 10.74 20.48
C ASN A 31 -8.93 11.23 19.52
N ASP A 32 -7.90 10.42 19.29
CA ASP A 32 -6.85 10.82 18.35
C ASP A 32 -7.19 10.46 16.91
N GLY A 33 -8.33 9.78 16.68
CA GLY A 33 -8.79 9.48 15.34
C GLY A 33 -8.69 8.02 14.96
N THR A 34 -7.94 7.22 15.71
CA THR A 34 -7.78 5.81 15.36
C THR A 34 -9.08 5.05 15.59
N PHE A 35 -9.47 4.23 14.61
CA PHE A 35 -10.65 3.38 14.68
C PHE A 35 -10.19 1.99 14.24
N ILE A 36 -9.81 1.17 15.22
CA ILE A 36 -9.20 -0.13 14.96
C ILE A 36 -10.08 -1.21 15.58
N GLY A 37 -10.21 -2.34 14.88
CA GLY A 37 -10.98 -3.48 15.36
C GLY A 37 -10.09 -4.69 15.61
N TYR A 38 -10.55 -5.55 16.53
CA TYR A 38 -9.80 -6.72 16.94
C TYR A 38 -10.74 -7.94 16.94
N LYS A 39 -10.14 -9.13 16.80
CA LYS A 39 -10.94 -10.35 16.87
C LYS A 39 -11.60 -10.50 18.23
N GLU A 40 -10.89 -10.13 19.29
CA GLU A 40 -11.42 -10.14 20.64
C GLU A 40 -10.90 -8.91 21.38
N ARG A 41 -11.51 -8.61 22.51
CA ARG A 41 -11.13 -7.42 23.27
C ARG A 41 -9.66 -7.50 23.67
N PRO A 42 -8.87 -6.47 23.42
CA PRO A 42 -7.45 -6.53 23.77
C PRO A 42 -7.21 -6.29 25.25
N GLN A 43 -6.05 -6.76 25.71
CA GLN A 43 -5.67 -6.55 27.10
C GLN A 43 -5.01 -5.20 27.32
N ASP A 44 -4.33 -4.67 26.30
CA ASP A 44 -3.72 -3.35 26.37
C ASP A 44 -4.59 -2.36 25.61
N VAL A 45 -4.92 -1.24 26.25
CA VAL A 45 -5.88 -0.31 25.68
C VAL A 45 -5.23 0.56 24.62
N ASP A 46 -4.03 1.08 24.87
CA ASP A 46 -3.32 1.93 23.92
C ASP A 46 -1.84 1.58 23.92
N GLN A 47 -1.34 1.09 22.79
CA GLN A 47 0.07 0.76 22.65
C GLN A 47 0.90 2.02 22.45
N ARG A 48 2.18 1.94 22.82
CA ARG A 48 3.02 3.13 22.89
C ARG A 48 3.41 3.64 21.51
N GLU A 49 3.43 2.78 20.50
CA GLU A 49 3.90 3.20 19.19
C GLU A 49 2.95 4.23 18.57
N ALA A 50 3.49 5.00 17.63
CA ALA A 50 2.76 6.13 17.07
C ALA A 50 1.55 5.64 16.26
N PRO A 51 0.48 6.42 16.24
CA PRO A 51 -0.72 5.99 15.51
C PRO A 51 -0.47 5.94 14.01
N LEU A 52 -1.21 5.07 13.34
CA LEU A 52 -1.11 4.88 11.90
C LEU A 52 -2.32 5.50 11.22
N ASN A 53 -2.06 6.21 10.12
CA ASN A 53 -3.13 6.89 9.41
C ASN A 53 -4.09 5.94 8.71
N ASN A 54 -3.68 4.69 8.48
CA ASN A 54 -4.54 3.72 7.81
C ASN A 54 -5.85 3.53 8.55
N PHE A 55 -5.86 3.71 9.87
CA PHE A 55 -7.04 3.53 10.69
C PHE A 55 -7.65 4.85 11.15
N SER A 56 -7.07 5.99 10.78
CA SER A 56 -7.53 7.27 11.26
C SER A 56 -8.89 7.62 10.67
N VAL A 57 -9.64 8.43 11.41
CA VAL A 57 -10.98 8.86 11.01
C VAL A 57 -10.99 10.31 10.53
N ALA A 58 -9.90 11.04 10.75
CA ALA A 58 -9.81 12.43 10.33
C ALA A 58 -10.19 12.61 8.86
N GLN A 59 -11.05 13.61 8.62
CA GLN A 59 -11.50 13.98 7.28
C GLN A 59 -12.13 12.79 6.55
N CYS A 60 -13.07 12.14 7.23
CA CYS A 60 -13.82 11.02 6.67
C CYS A 60 -15.18 11.47 6.18
N GLN A 61 -15.81 10.60 5.38
CA GLN A 61 -17.19 10.79 4.96
C GLN A 61 -18.01 9.60 5.45
N LEU A 62 -19.03 9.88 6.26
CA LEU A 62 -19.87 8.83 6.80
C LEU A 62 -21.10 8.64 5.92
N MET A 63 -21.34 7.39 5.52
CA MET A 63 -22.47 7.04 4.68
C MET A 63 -23.27 5.94 5.35
N LYS A 64 -24.58 6.13 5.46
CA LYS A 64 -25.48 5.13 5.97
C LYS A 64 -26.23 4.52 4.78
N THR A 65 -26.09 3.21 4.60
CA THR A 65 -26.71 2.52 3.47
C THR A 65 -27.53 1.34 3.97
N GLU A 66 -28.54 0.96 3.19
CA GLU A 66 -29.29 -0.26 3.41
C GLU A 66 -28.87 -1.39 2.47
N ARG A 67 -27.90 -1.15 1.61
CA ARG A 67 -27.38 -2.13 0.68
C ARG A 67 -25.86 -2.22 0.82
N PRO A 68 -25.29 -3.42 0.74
CA PRO A 68 -25.97 -4.68 0.44
C PRO A 68 -26.75 -5.24 1.62
N ARG A 69 -26.44 -4.75 2.82
CA ARG A 69 -27.08 -5.21 4.05
C ARG A 69 -27.65 -4.01 4.80
N PRO A 70 -28.86 -4.15 5.35
CA PRO A 70 -29.43 -3.05 6.15
C PRO A 70 -28.58 -2.74 7.37
N ASN A 71 -28.73 -1.50 7.86
CA ASN A 71 -27.97 -0.99 9.02
C ASN A 71 -26.47 -1.03 8.76
N THR A 72 -26.08 -0.73 7.52
CA THR A 72 -24.68 -0.61 7.16
C THR A 72 -24.27 0.85 7.21
N PHE A 73 -23.04 1.10 7.69
CA PHE A 73 -22.45 2.41 7.56
C PHE A 73 -21.03 2.27 7.03
N ILE A 74 -20.62 3.24 6.22
CA ILE A 74 -19.37 3.20 5.49
C ILE A 74 -18.53 4.40 5.90
N ILE A 75 -17.27 4.15 6.22
CA ILE A 75 -16.29 5.21 6.46
C ILE A 75 -15.44 5.32 5.20
N ARG A 76 -15.40 6.51 4.61
CA ARG A 76 -14.71 6.73 3.34
C ARG A 76 -13.69 7.84 3.53
N CYS A 77 -12.43 7.55 3.21
CA CYS A 77 -11.34 8.50 3.40
C CYS A 77 -10.44 8.52 2.17
N LEU A 78 -9.91 9.70 1.87
CA LEU A 78 -8.80 9.84 0.92
C LEU A 78 -7.51 9.76 1.71
N GLN A 79 -6.72 8.72 1.46
CA GLN A 79 -5.40 8.57 2.05
C GLN A 79 -4.37 8.71 0.94
N TRP A 80 -3.56 9.78 1.01
CA TRP A 80 -2.67 10.20 -0.06
C TRP A 80 -3.44 10.40 -1.35
N THR A 81 -3.43 9.42 -2.24
CA THR A 81 -4.11 9.53 -3.53
C THR A 81 -5.06 8.36 -3.80
N THR A 82 -5.39 7.58 -2.78
CA THR A 82 -6.29 6.46 -2.93
C THR A 82 -7.49 6.64 -2.00
N VAL A 83 -8.69 6.41 -2.53
CA VAL A 83 -9.91 6.44 -1.75
C VAL A 83 -10.17 5.04 -1.21
N ILE A 84 -10.15 4.89 0.11
CA ILE A 84 -10.38 3.60 0.75
C ILE A 84 -11.72 3.64 1.47
N GLU A 85 -12.39 2.50 1.51
CA GLU A 85 -13.68 2.35 2.17
C GLU A 85 -13.64 1.23 3.18
N ARG A 86 -14.24 1.46 4.34
CA ARG A 86 -14.47 0.42 5.34
C ARG A 86 -15.96 0.40 5.64
N THR A 87 -16.58 -0.76 5.44
CA THR A 87 -18.01 -0.92 5.61
C THR A 87 -18.29 -1.77 6.85
N PHE A 88 -19.27 -1.34 7.64
CA PHE A 88 -19.59 -1.97 8.91
C PHE A 88 -21.09 -2.23 8.97
N HIS A 89 -21.50 -3.05 9.93
CA HIS A 89 -22.90 -3.39 10.12
C HIS A 89 -23.17 -3.61 11.60
N VAL A 90 -24.26 -3.02 12.09
CA VAL A 90 -24.77 -3.26 13.43
C VAL A 90 -26.17 -3.82 13.32
N GLU A 91 -26.66 -4.40 14.41
CA GLU A 91 -27.94 -5.11 14.34
C GLU A 91 -29.14 -4.18 14.42
N THR A 92 -29.00 -3.00 15.04
CA THR A 92 -30.12 -2.08 15.14
C THR A 92 -29.76 -0.73 14.54
N PRO A 93 -30.75 0.00 14.01
CA PRO A 93 -30.47 1.36 13.53
C PRO A 93 -30.02 2.30 14.62
N GLU A 94 -30.47 2.07 15.86
CA GLU A 94 -30.07 2.92 16.98
C GLU A 94 -28.58 2.80 17.26
N GLU A 95 -28.01 1.60 17.11
CA GLU A 95 -26.57 1.44 17.29
C GLU A 95 -25.79 2.16 16.20
N ARG A 96 -26.28 2.14 14.96
CA ARG A 96 -25.57 2.79 13.87
C ARG A 96 -25.48 4.29 14.08
N GLU A 97 -26.55 4.90 14.61
CA GLU A 97 -26.52 6.33 14.86
C GLU A 97 -25.53 6.68 15.96
N GLU A 98 -25.49 5.87 17.03
CA GLU A 98 -24.53 6.10 18.10
C GLU A 98 -23.09 6.03 17.57
N TRP A 99 -22.81 5.04 16.73
CA TRP A 99 -21.47 4.90 16.17
C TRP A 99 -21.16 6.06 15.22
N THR A 100 -22.07 6.36 14.29
CA THR A 100 -21.80 7.40 13.30
C THR A 100 -21.66 8.77 13.95
N THR A 101 -22.48 9.06 14.97
CA THR A 101 -22.34 10.33 15.68
C THR A 101 -21.00 10.42 16.39
N ALA A 102 -20.63 9.36 17.11
CA ALA A 102 -19.34 9.35 17.81
C ALA A 102 -18.19 9.48 16.81
N ILE A 103 -18.26 8.75 15.71
CA ILE A 103 -17.20 8.84 14.69
C ILE A 103 -17.14 10.25 14.13
N GLN A 104 -18.30 10.88 13.90
CA GLN A 104 -18.32 12.22 13.33
C GLN A 104 -17.76 13.25 14.30
N THR A 105 -18.10 13.12 15.59
CA THR A 105 -17.59 14.07 16.57
C THR A 105 -16.08 13.96 16.74
N VAL A 106 -15.54 12.74 16.66
CA VAL A 106 -14.09 12.58 16.71
C VAL A 106 -13.44 13.22 15.48
N ALA A 107 -14.04 13.03 14.30
CA ALA A 107 -13.48 13.63 13.09
C ALA A 107 -13.55 15.15 13.15
N ASP A 108 -14.68 15.69 13.61
CA ASP A 108 -14.81 17.15 13.74
C ASP A 108 -13.87 17.69 14.81
N GLY A 109 -13.65 16.93 15.88
CA GLY A 109 -12.71 17.37 16.90
C GLY A 109 -11.27 17.41 16.40
N LEU A 110 -10.95 16.59 15.40
CA LEU A 110 -9.62 16.60 14.81
C LEU A 110 -9.45 17.67 13.75
N LYS A 111 -10.53 18.29 13.29
CA LYS A 111 -10.42 19.34 12.28
C LYS A 111 -9.43 20.41 12.72
N LYS A 112 -9.66 20.98 13.89
CA LYS A 112 -8.69 21.85 14.56
C LYS A 112 -8.16 22.98 13.68
N LYS A 142 0.51 25.10 -18.36
CA LYS A 142 0.58 26.56 -18.27
C LYS A 142 0.74 26.98 -16.81
N HIS A 143 0.18 28.15 -16.46
CA HIS A 143 0.16 28.56 -15.06
C HIS A 143 -0.60 27.55 -14.22
N ARG A 144 -1.77 27.13 -14.70
CA ARG A 144 -2.48 25.98 -14.17
C ARG A 144 -2.34 24.83 -15.16
N VAL A 145 -2.18 23.63 -14.64
CA VAL A 145 -2.01 22.45 -15.48
C VAL A 145 -3.39 21.90 -15.83
N THR A 146 -3.60 21.57 -17.10
CA THR A 146 -4.86 21.04 -17.58
C THR A 146 -4.63 19.66 -18.20
N MET A 147 -5.74 19.01 -18.57
CA MET A 147 -5.65 17.73 -19.25
C MET A 147 -5.03 17.87 -20.64
N ASN A 148 -5.12 19.07 -21.24
CA ASN A 148 -4.60 19.30 -22.57
C ASN A 148 -3.08 19.23 -22.64
N GLU A 149 -2.39 19.36 -21.50
CA GLU A 149 -0.94 19.29 -21.50
C GLU A 149 -0.42 17.87 -21.62
N PHE A 150 -1.29 16.87 -21.56
CA PHE A 150 -0.87 15.48 -21.57
C PHE A 150 -1.50 14.74 -22.75
N GLU A 151 -0.78 13.76 -23.26
CA GLU A 151 -1.28 12.87 -24.31
C GLU A 151 -1.60 11.51 -23.69
N TYR A 152 -2.84 11.07 -23.87
CA TYR A 152 -3.24 9.75 -23.39
C TYR A 152 -2.50 8.66 -24.16
N LEU A 153 -2.00 7.67 -23.42
CA LEU A 153 -1.28 6.54 -24.01
C LEU A 153 -1.96 5.21 -23.78
N LYS A 154 -2.26 4.88 -22.52
CA LYS A 154 -2.70 3.53 -22.17
C LYS A 154 -3.40 3.56 -20.83
N LEU A 155 -4.46 2.75 -20.71
CA LEU A 155 -5.15 2.59 -19.43
C LEU A 155 -4.39 1.59 -18.57
N LEU A 156 -4.07 2.01 -17.34
CA LEU A 156 -3.37 1.15 -16.40
C LEU A 156 -4.29 0.43 -15.44
N GLY A 157 -5.47 0.98 -15.18
CA GLY A 157 -6.41 0.34 -14.28
C GLY A 157 -7.68 1.13 -14.06
N LYS A 158 -8.79 0.43 -13.87
CA LYS A 158 -10.07 1.05 -13.55
C LYS A 158 -10.50 0.63 -12.15
N GLY A 159 -11.09 1.57 -11.41
CA GLY A 159 -11.57 1.30 -10.07
C GLY A 159 -12.99 1.82 -9.89
N THR A 160 -13.50 1.62 -8.68
CA THR A 160 -14.85 2.06 -8.37
C THR A 160 -14.95 3.59 -8.40
N PHE A 161 -13.89 4.28 -7.95
CA PHE A 161 -13.93 5.72 -7.78
C PHE A 161 -13.06 6.45 -8.80
N GLY A 162 -12.75 5.83 -9.93
CA GLY A 162 -11.98 6.47 -10.96
C GLY A 162 -11.08 5.48 -11.67
N LYS A 163 -10.09 6.00 -12.39
CA LYS A 163 -9.19 5.18 -13.19
C LYS A 163 -7.79 5.78 -13.17
N VAL A 164 -6.83 4.98 -13.61
CA VAL A 164 -5.44 5.37 -13.72
C VAL A 164 -5.00 5.15 -15.15
N ILE A 165 -4.32 6.13 -15.74
CA ILE A 165 -3.90 6.08 -17.13
C ILE A 165 -2.46 6.49 -17.26
N LEU A 166 -1.76 5.86 -18.21
CA LEU A 166 -0.41 6.27 -18.57
C LEU A 166 -0.49 7.42 -19.57
N VAL A 167 0.21 8.51 -19.26
CA VAL A 167 0.17 9.71 -20.07
C VAL A 167 1.60 10.18 -20.32
N LYS A 168 1.73 11.14 -21.23
CA LYS A 168 3.01 11.78 -21.56
C LYS A 168 2.78 13.28 -21.60
N GLU A 169 3.56 14.04 -20.84
CA GLU A 169 3.48 15.49 -20.94
C GLU A 169 4.06 15.94 -22.28
N LYS A 170 3.26 16.71 -23.03
CA LYS A 170 3.65 17.08 -24.38
C LYS A 170 4.92 17.93 -24.40
N ALA A 171 5.11 18.78 -23.39
CA ALA A 171 6.22 19.72 -23.43
C ALA A 171 7.55 19.02 -23.15
N THR A 172 7.57 18.06 -22.24
CA THR A 172 8.81 17.42 -21.82
C THR A 172 9.00 16.02 -22.38
N GLY A 173 7.95 15.36 -22.84
CA GLY A 173 8.08 14.00 -23.30
C GLY A 173 8.22 12.97 -22.20
N ARG A 174 8.13 13.38 -20.94
CA ARG A 174 8.25 12.45 -19.82
C ARG A 174 6.91 11.78 -19.54
N TYR A 175 6.99 10.53 -19.10
CA TYR A 175 5.81 9.69 -18.92
C TYR A 175 5.33 9.74 -17.47
N TYR A 176 4.01 9.69 -17.30
CA TYR A 176 3.39 9.82 -15.99
C TYR A 176 2.19 8.90 -15.88
N ALA A 177 1.86 8.53 -14.64
CA ALA A 177 0.61 7.86 -14.33
C ALA A 177 -0.34 8.87 -13.71
N MET A 178 -1.52 9.01 -14.29
CA MET A 178 -2.51 9.98 -13.82
C MET A 178 -3.68 9.26 -13.21
N LYS A 179 -3.93 9.52 -11.92
CA LYS A 179 -5.10 9.00 -11.23
C LYS A 179 -6.24 9.99 -11.38
N ILE A 180 -7.28 9.59 -12.10
CA ILE A 180 -8.45 10.44 -12.31
C ILE A 180 -9.56 9.92 -11.40
N LEU A 181 -9.84 10.66 -10.34
CA LEU A 181 -10.80 10.25 -9.32
C LEU A 181 -12.03 11.15 -9.35
N LYS A 182 -13.17 10.57 -8.99
CA LYS A 182 -14.42 11.31 -8.95
C LYS A 182 -14.43 12.27 -7.77
N LYS A 183 -14.79 13.53 -8.04
CA LYS A 183 -14.66 14.58 -7.03
C LYS A 183 -15.74 14.48 -5.95
N GLU A 184 -16.94 14.03 -6.32
CA GLU A 184 -18.02 13.93 -5.34
C GLU A 184 -17.66 13.02 -4.19
N VAL A 185 -16.85 11.99 -4.47
CA VAL A 185 -16.51 10.98 -3.47
C VAL A 185 -15.58 11.55 -2.40
N ILE A 186 -14.72 12.49 -2.78
CA ILE A 186 -13.59 12.89 -1.93
C ILE A 186 -13.96 14.10 -1.06
N VAL A 187 -14.18 15.25 -1.70
CA VAL A 187 -14.44 16.50 -0.99
C VAL A 187 -15.72 17.12 -1.54
N ALA A 188 -16.43 17.87 -0.68
CA ALA A 188 -17.71 18.44 -1.07
C ALA A 188 -17.61 19.80 -1.75
N LYS A 189 -16.59 20.60 -1.42
CA LYS A 189 -16.51 21.99 -1.86
C LYS A 189 -15.33 22.19 -2.78
N ASP A 190 -15.54 22.93 -3.87
CA ASP A 190 -14.49 23.17 -4.85
C ASP A 190 -13.34 23.99 -4.26
N GLU A 191 -13.62 24.80 -3.24
CA GLU A 191 -12.55 25.59 -2.60
C GLU A 191 -11.62 24.70 -1.80
N VAL A 192 -12.14 23.64 -1.18
CA VAL A 192 -11.31 22.72 -0.41
C VAL A 192 -10.48 21.84 -1.33
N ALA A 193 -11.04 21.44 -2.47
CA ALA A 193 -10.30 20.60 -3.41
C ALA A 193 -9.14 21.35 -4.04
N HIS A 194 -9.29 22.67 -4.22
CA HIS A 194 -8.16 23.46 -4.72
C HIS A 194 -7.02 23.49 -3.72
N THR A 195 -7.34 23.64 -2.43
CA THR A 195 -6.32 23.52 -1.39
C THR A 195 -5.78 22.10 -1.31
N LEU A 196 -6.59 21.12 -1.70
CA LEU A 196 -6.14 19.72 -1.68
C LEU A 196 -5.10 19.46 -2.77
N THR A 197 -5.38 19.92 -3.99
CA THR A 197 -4.40 19.84 -5.06
C THR A 197 -3.15 20.68 -4.75
N GLU A 198 -3.36 21.85 -4.13
CA GLU A 198 -2.25 22.74 -3.84
C GLU A 198 -1.32 22.15 -2.78
N ASN A 199 -1.90 21.60 -1.72
CA ASN A 199 -1.09 21.09 -0.61
C ASN A 199 -0.36 19.81 -1.00
N ARG A 200 -1.08 18.84 -1.56
CA ARG A 200 -0.56 17.48 -1.67
C ARG A 200 0.70 17.42 -2.53
N VAL A 201 0.87 18.36 -3.45
CA VAL A 201 2.07 18.36 -4.29
C VAL A 201 3.32 18.58 -3.44
N LEU A 202 3.23 19.43 -2.42
CA LEU A 202 4.38 19.82 -1.62
C LEU A 202 4.55 19.00 -0.33
N GLN A 203 3.55 18.20 0.06
CA GLN A 203 3.55 17.55 1.37
C GLN A 203 4.52 16.37 1.38
N ASN A 204 5.80 16.69 1.54
CA ASN A 204 6.91 15.73 1.70
C ASN A 204 6.72 14.49 0.83
N SER A 205 6.48 14.73 -0.46
N SER A 205 6.48 14.73 -0.46
CA SER A 205 6.27 13.64 -1.39
CA SER A 205 6.27 13.63 -1.39
C SER A 205 7.54 12.83 -1.63
C SER A 205 7.54 12.84 -1.66
N ARG A 206 8.71 13.47 -1.45
CA ARG A 206 9.97 12.93 -1.95
C ARG A 206 10.67 12.05 -0.92
N HIS A 207 10.85 10.79 -1.27
CA HIS A 207 11.91 9.89 -0.84
C HIS A 207 12.45 9.30 -2.13
N PRO A 208 13.77 9.12 -2.25
CA PRO A 208 14.33 8.74 -3.56
C PRO A 208 13.77 7.47 -4.17
N PHE A 209 13.15 6.58 -3.39
CA PHE A 209 12.68 5.31 -3.92
C PHE A 209 11.16 5.18 -3.88
N LEU A 210 10.45 6.29 -3.67
CA LEU A 210 9.01 6.36 -3.81
C LEU A 210 8.67 7.17 -5.06
N THR A 211 7.71 6.69 -5.84
CA THR A 211 7.27 7.46 -7.00
C THR A 211 6.67 8.78 -6.54
N ALA A 212 7.22 9.88 -7.02
CA ALA A 212 6.82 11.20 -6.55
C ALA A 212 5.54 11.65 -7.22
N LEU A 213 4.70 12.36 -6.47
CA LEU A 213 3.51 13.01 -7.00
C LEU A 213 3.90 14.40 -7.46
N LYS A 214 3.81 14.66 -8.77
CA LYS A 214 4.35 15.88 -9.34
C LYS A 214 3.31 16.99 -9.51
N TYR A 215 2.18 16.71 -10.17
CA TYR A 215 1.13 17.70 -10.35
C TYR A 215 -0.16 17.20 -9.72
N SER A 216 -1.02 18.15 -9.36
CA SER A 216 -2.38 17.85 -8.94
C SER A 216 -3.28 18.98 -9.40
N PHE A 217 -4.31 18.63 -10.17
CA PHE A 217 -5.30 19.59 -10.62
C PHE A 217 -6.67 18.93 -10.55
N GLN A 218 -7.68 19.67 -10.98
CA GLN A 218 -9.05 19.20 -10.93
C GLN A 218 -9.83 19.75 -12.11
N THR A 219 -10.80 18.97 -12.57
CA THR A 219 -11.80 19.44 -13.51
C THR A 219 -13.09 19.68 -12.72
N HIS A 220 -14.22 19.77 -13.42
CA HIS A 220 -15.49 20.04 -12.74
C HIS A 220 -15.94 18.86 -11.89
N ASP A 221 -15.66 17.63 -12.33
CA ASP A 221 -16.14 16.45 -11.64
C ASP A 221 -15.04 15.42 -11.37
N ARG A 222 -13.78 15.76 -11.63
CA ARG A 222 -12.68 14.81 -11.47
C ARG A 222 -11.53 15.44 -10.70
N LEU A 223 -10.86 14.62 -9.91
CA LEU A 223 -9.64 15.00 -9.21
C LEU A 223 -8.49 14.18 -9.77
N CYS A 224 -7.41 14.85 -10.14
CA CYS A 224 -6.31 14.23 -10.89
C CYS A 224 -5.02 14.32 -10.09
N PHE A 225 -4.33 13.18 -9.97
CA PHE A 225 -3.02 13.10 -9.35
C PHE A 225 -2.05 12.56 -10.38
N VAL A 226 -1.01 13.33 -10.69
CA VAL A 226 -0.03 12.96 -11.71
C VAL A 226 1.26 12.54 -11.02
N MET A 227 1.66 11.30 -11.26
CA MET A 227 2.83 10.73 -10.60
C MET A 227 3.90 10.37 -11.61
N GLU A 228 5.15 10.53 -11.20
CA GLU A 228 6.28 10.15 -12.05
C GLU A 228 6.23 8.65 -12.33
N TYR A 229 6.45 8.29 -13.59
CA TYR A 229 6.41 6.90 -14.04
C TYR A 229 7.81 6.49 -14.43
N ALA A 230 8.34 5.47 -13.77
CA ALA A 230 9.69 5.00 -14.05
C ALA A 230 9.73 4.26 -15.38
N ASN A 231 10.77 4.53 -16.17
CA ASN A 231 10.89 3.96 -17.51
C ASN A 231 12.01 2.92 -17.60
N GLY A 232 12.43 2.38 -16.47
CA GLY A 232 13.46 1.34 -16.44
C GLY A 232 12.93 -0.08 -16.43
N GLY A 233 11.64 -0.27 -16.66
CA GLY A 233 11.05 -1.59 -16.73
C GLY A 233 10.51 -2.10 -15.41
N GLU A 234 9.39 -2.80 -15.45
CA GLU A 234 8.81 -3.37 -14.24
C GLU A 234 9.70 -4.47 -13.69
N LEU A 235 9.71 -4.63 -12.37
CA LEU A 235 10.64 -5.59 -11.77
C LEU A 235 10.22 -7.03 -12.06
N PHE A 236 8.93 -7.29 -12.27
CA PHE A 236 8.55 -8.65 -12.66
C PHE A 236 9.04 -8.96 -14.07
N PHE A 237 9.15 -7.95 -14.93
CA PHE A 237 9.73 -8.17 -16.26
C PHE A 237 11.19 -8.58 -16.14
N HIS A 238 11.97 -7.83 -15.35
CA HIS A 238 13.39 -8.13 -15.23
C HIS A 238 13.62 -9.46 -14.52
N LEU A 239 12.82 -9.76 -13.50
CA LEU A 239 13.01 -11.03 -12.78
C LEU A 239 12.63 -12.22 -13.65
N SER A 240 11.62 -12.07 -14.51
CA SER A 240 11.16 -13.22 -15.30
C SER A 240 12.18 -13.60 -16.38
N ARG A 241 12.85 -12.61 -16.98
CA ARG A 241 13.80 -12.94 -18.04
C ARG A 241 15.12 -13.45 -17.46
N GLU A 242 15.57 -12.90 -16.33
CA GLU A 242 16.77 -13.41 -15.67
C GLU A 242 16.48 -14.54 -14.69
N ARG A 243 15.21 -14.88 -14.50
CA ARG A 243 14.73 -16.02 -13.72
C ARG A 243 15.06 -15.91 -12.22
N VAL A 244 16.29 -15.56 -11.86
CA VAL A 244 16.66 -15.41 -10.45
C VAL A 244 17.65 -14.27 -10.35
N PHE A 245 17.59 -13.54 -9.25
CA PHE A 245 18.61 -12.57 -8.87
C PHE A 245 19.57 -13.23 -7.90
N SER A 246 20.83 -12.82 -7.95
CA SER A 246 21.78 -13.28 -6.96
C SER A 246 21.48 -12.63 -5.61
N GLU A 247 22.11 -13.15 -4.56
CA GLU A 247 21.91 -12.56 -3.25
C GLU A 247 22.45 -11.14 -3.20
N ASP A 248 23.49 -10.84 -3.98
CA ASP A 248 24.01 -9.47 -4.03
C ASP A 248 22.98 -8.52 -4.63
N ARG A 249 22.38 -8.90 -5.77
CA ARG A 249 21.45 -8.02 -6.45
C ARG A 249 20.15 -7.87 -5.67
N ALA A 250 19.73 -8.93 -4.97
CA ALA A 250 18.52 -8.83 -4.15
C ALA A 250 18.77 -8.02 -2.88
N ARG A 251 20.00 -8.08 -2.35
CA ARG A 251 20.34 -7.26 -1.19
C ARG A 251 20.25 -5.77 -1.54
N PHE A 252 20.62 -5.41 -2.76
CA PHE A 252 20.58 -4.01 -3.17
C PHE A 252 19.14 -3.50 -3.24
N TYR A 253 18.28 -4.19 -4.01
CA TYR A 253 16.88 -3.80 -4.06
C TYR A 253 16.23 -3.88 -2.69
N GLY A 254 16.55 -4.92 -1.93
CA GLY A 254 15.97 -5.06 -0.60
C GLY A 254 16.37 -3.94 0.35
N ALA A 255 17.60 -3.47 0.23
CA ALA A 255 18.04 -2.36 1.08
C ALA A 255 17.31 -1.08 0.72
N GLU A 256 17.04 -0.85 -0.56
CA GLU A 256 16.31 0.36 -0.95
C GLU A 256 14.85 0.28 -0.49
N ILE A 257 14.26 -0.91 -0.54
CA ILE A 257 12.88 -1.06 -0.07
C ILE A 257 12.81 -0.83 1.44
N VAL A 258 13.77 -1.36 2.19
CA VAL A 258 13.83 -1.12 3.63
C VAL A 258 13.88 0.38 3.91
N SER A 259 14.76 1.08 3.18
CA SER A 259 14.90 2.52 3.39
C SER A 259 13.60 3.26 3.10
N ALA A 260 12.90 2.88 2.02
CA ALA A 260 11.64 3.51 1.70
C ALA A 260 10.58 3.21 2.76
N LEU A 261 10.49 1.94 3.17
CA LEU A 261 9.49 1.57 4.18
C LEU A 261 9.79 2.20 5.54
N ASP A 262 11.06 2.42 5.86
CA ASP A 262 11.41 3.12 7.10
C ASP A 262 10.90 4.55 7.06
N TYR A 263 11.01 5.21 5.91
CA TYR A 263 10.49 6.57 5.78
C TYR A 263 8.99 6.62 6.02
N LEU A 264 8.23 5.74 5.35
CA LEU A 264 6.79 5.76 5.48
C LEU A 264 6.35 5.49 6.92
N HIS A 265 7.03 4.56 7.60
CA HIS A 265 6.64 4.20 8.96
C HIS A 265 6.98 5.31 9.95
N SER A 266 8.21 5.79 9.92
CA SER A 266 8.64 6.76 10.93
C SER A 266 8.20 8.18 10.58
N GLU A 267 8.45 8.61 9.34
CA GLU A 267 8.13 9.99 8.96
C GLU A 267 6.65 10.18 8.70
N LYS A 268 6.01 9.23 8.02
CA LYS A 268 4.63 9.40 7.58
C LYS A 268 3.61 8.65 8.43
N ASN A 269 4.05 7.69 9.27
CA ASN A 269 3.16 6.89 10.09
C ASN A 269 2.09 6.19 9.25
N VAL A 270 2.49 5.66 8.10
CA VAL A 270 1.59 4.93 7.21
C VAL A 270 2.21 3.57 6.90
N VAL A 271 1.37 2.55 6.82
CA VAL A 271 1.79 1.22 6.39
C VAL A 271 1.40 1.07 4.92
N TYR A 272 2.33 0.52 4.12
CA TYR A 272 2.11 0.48 2.67
C TYR A 272 1.12 -0.61 2.28
N ARG A 273 1.30 -1.82 2.81
CA ARG A 273 0.33 -2.92 2.77
C ARG A 273 0.21 -3.59 1.40
N ASP A 274 0.65 -2.94 0.34
CA ASP A 274 0.55 -3.48 -1.02
C ASP A 274 1.93 -3.77 -1.61
N LEU A 275 2.88 -4.18 -0.78
CA LEU A 275 4.24 -4.46 -1.25
C LEU A 275 4.25 -5.80 -1.98
N LYS A 276 4.45 -5.75 -3.29
CA LYS A 276 4.54 -6.95 -4.11
C LYS A 276 5.38 -6.63 -5.34
N LEU A 277 5.81 -7.67 -6.04
CA LEU A 277 6.68 -7.50 -7.20
C LEU A 277 6.06 -6.60 -8.26
N GLU A 278 4.73 -6.65 -8.41
CA GLU A 278 4.05 -5.85 -9.43
C GLU A 278 4.05 -4.37 -9.10
N ASN A 279 4.38 -3.99 -7.87
CA ASN A 279 4.45 -2.58 -7.49
C ASN A 279 5.89 -2.09 -7.37
N LEU A 280 6.84 -2.79 -7.99
CA LEU A 280 8.24 -2.41 -7.97
C LEU A 280 8.69 -2.14 -9.40
N MET A 281 9.38 -1.02 -9.59
CA MET A 281 9.95 -0.67 -10.89
C MET A 281 11.35 -0.13 -10.68
N LEU A 282 12.10 -0.05 -11.78
CA LEU A 282 13.40 0.60 -11.80
C LEU A 282 13.33 1.89 -12.59
N ASP A 283 14.07 2.91 -12.14
CA ASP A 283 14.18 4.13 -12.93
C ASP A 283 15.25 3.92 -13.99
N LYS A 284 15.63 4.99 -14.68
CA LYS A 284 16.61 4.87 -15.76
C LYS A 284 17.97 4.41 -15.25
N ASP A 285 18.30 4.73 -13.99
CA ASP A 285 19.60 4.39 -13.44
C ASP A 285 19.65 2.99 -12.87
N GLY A 286 18.51 2.38 -12.58
CA GLY A 286 18.47 1.06 -11.98
C GLY A 286 18.09 1.03 -10.51
N HIS A 287 17.66 2.14 -9.94
CA HIS A 287 17.24 2.16 -8.55
C HIS A 287 15.76 1.82 -8.44
N ILE A 288 15.39 1.29 -7.28
CA ILE A 288 14.01 0.83 -7.07
C ILE A 288 13.08 2.03 -6.94
N LYS A 289 11.89 1.91 -7.53
CA LYS A 289 10.79 2.84 -7.30
C LYS A 289 9.58 2.04 -6.86
N ILE A 290 9.06 2.35 -5.67
CA ILE A 290 7.82 1.76 -5.19
C ILE A 290 6.67 2.61 -5.71
N THR A 291 5.73 1.98 -6.43
CA THR A 291 4.70 2.71 -7.15
C THR A 291 3.48 2.96 -6.27
N ASP A 292 2.68 3.96 -6.68
CA ASP A 292 1.40 4.26 -6.03
C ASP A 292 0.36 4.49 -7.12
N PHE A 293 0.10 3.44 -7.89
CA PHE A 293 -0.83 3.49 -9.01
C PHE A 293 -2.12 2.75 -8.73
N GLY A 294 -2.32 2.25 -7.50
CA GLY A 294 -3.47 1.43 -7.20
C GLY A 294 -4.73 2.24 -6.98
N LEU A 295 -5.87 1.55 -7.13
CA LEU A 295 -7.18 2.11 -6.84
C LEU A 295 -8.05 1.00 -6.29
N CYS A 296 -8.91 1.36 -5.33
CA CYS A 296 -9.83 0.37 -4.76
C CYS A 296 -10.86 -0.06 -5.80
N LYS A 297 -10.97 -1.37 -6.00
CA LYS A 297 -11.95 -1.96 -6.88
C LYS A 297 -12.86 -2.88 -6.08
N GLU A 298 -14.00 -3.23 -6.69
CA GLU A 298 -14.84 -4.29 -6.17
C GLU A 298 -14.41 -5.60 -6.82
N GLY A 299 -14.11 -6.60 -5.99
CA GLY A 299 -13.50 -7.81 -6.46
C GLY A 299 -14.40 -8.64 -7.37
N ILE A 300 -13.85 -9.79 -7.77
CA ILE A 300 -14.53 -10.73 -8.66
C ILE A 300 -15.11 -11.87 -7.84
N LYS A 301 -16.28 -12.36 -8.26
CA LYS A 301 -16.95 -13.46 -7.57
C LYS A 301 -16.52 -14.80 -8.14
N ALA A 304 -15.14 -21.44 -5.28
CA ALA A 304 -15.67 -20.22 -4.70
C ALA A 304 -16.62 -19.52 -5.68
N THR A 305 -17.78 -20.14 -5.90
CA THR A 305 -18.69 -19.67 -6.94
C THR A 305 -19.30 -18.32 -6.59
N MET A 306 -19.79 -18.16 -5.35
CA MET A 306 -20.44 -16.93 -4.91
C MET A 306 -19.63 -16.17 -3.87
N LYS A 307 -18.33 -16.39 -3.81
CA LYS A 307 -17.44 -15.63 -2.93
C LYS A 307 -16.73 -14.55 -3.73
N THR A 308 -16.73 -13.34 -3.20
CA THR A 308 -16.11 -12.19 -3.86
C THR A 308 -14.72 -11.97 -3.26
N PHE A 309 -13.68 -12.34 -4.01
CA PHE A 309 -12.31 -12.02 -3.65
C PHE A 309 -11.85 -10.81 -4.44
N CYS A 310 -11.00 -10.00 -3.80
CA CYS A 310 -10.54 -8.74 -4.37
C CYS A 310 -9.04 -8.82 -4.60
N GLY A 311 -8.64 -9.00 -5.85
CA GLY A 311 -7.24 -9.09 -6.18
C GLY A 311 -6.66 -10.47 -5.95
N THR A 312 -5.33 -10.54 -5.98
CA THR A 312 -4.66 -11.80 -5.72
C THR A 312 -4.19 -11.87 -4.28
N PRO A 313 -4.27 -13.03 -3.63
CA PRO A 313 -3.90 -13.14 -2.22
C PRO A 313 -2.46 -13.57 -1.94
N GLU A 314 -1.67 -13.82 -2.98
CA GLU A 314 -0.38 -14.47 -2.82
C GLU A 314 0.61 -13.65 -1.98
N TYR A 315 0.41 -12.34 -1.89
CA TYR A 315 1.34 -11.46 -1.19
C TYR A 315 0.79 -10.96 0.14
N LEU A 316 -0.44 -11.28 0.49
CA LEU A 316 -1.08 -10.70 1.66
C LEU A 316 -0.54 -11.33 2.94
N ALA A 317 -0.24 -10.49 3.92
CA ALA A 317 0.16 -10.97 5.23
C ALA A 317 -1.00 -11.75 5.85
N PRO A 318 -0.71 -12.74 6.69
CA PRO A 318 -1.79 -13.51 7.32
C PRO A 318 -2.77 -12.65 8.10
N GLU A 319 -2.26 -11.73 8.92
CA GLU A 319 -3.15 -10.87 9.70
C GLU A 319 -4.02 -9.98 8.82
N VAL A 320 -3.60 -9.73 7.57
CA VAL A 320 -4.46 -9.00 6.65
C VAL A 320 -5.52 -9.91 6.05
N LEU A 321 -5.16 -11.16 5.76
CA LEU A 321 -6.14 -12.13 5.23
C LEU A 321 -7.25 -12.38 6.24
N GLU A 322 -6.92 -12.41 7.53
CA GLU A 322 -7.88 -12.75 8.59
C GLU A 322 -8.64 -11.55 9.12
N ASP A 323 -8.45 -10.37 8.52
CA ASP A 323 -9.10 -9.13 8.95
C ASP A 323 -8.83 -8.82 10.42
N ASN A 324 -7.68 -9.26 10.93
CA ASN A 324 -7.25 -8.93 12.27
C ASN A 324 -6.52 -7.58 12.25
N ASP A 325 -6.29 -7.02 13.44
CA ASP A 325 -5.57 -5.76 13.52
C ASP A 325 -4.15 -5.96 12.99
N TYR A 326 -3.64 -4.94 12.31
CA TYR A 326 -2.33 -5.03 11.69
C TYR A 326 -1.60 -3.72 11.87
N GLY A 327 -0.29 -3.77 11.69
CA GLY A 327 0.56 -2.60 11.86
C GLY A 327 1.72 -2.63 10.89
N ARG A 328 2.84 -2.04 11.32
CA ARG A 328 4.01 -1.90 10.46
C ARG A 328 4.60 -3.25 10.04
N ALA A 329 4.30 -4.33 10.76
CA ALA A 329 4.84 -5.64 10.41
C ALA A 329 4.32 -6.16 9.08
N VAL A 330 3.19 -5.63 8.60
CA VAL A 330 2.63 -6.12 7.34
C VAL A 330 3.59 -5.85 6.18
N ASP A 331 4.26 -4.69 6.19
CA ASP A 331 5.21 -4.39 5.12
C ASP A 331 6.42 -5.31 5.16
N TRP A 332 6.84 -5.74 6.35
CA TRP A 332 8.00 -6.62 6.43
C TRP A 332 7.68 -8.02 5.91
N TRP A 333 6.44 -8.48 6.11
CA TRP A 333 5.99 -9.68 5.42
C TRP A 333 6.08 -9.49 3.91
N GLY A 334 5.58 -8.36 3.42
CA GLY A 334 5.64 -8.09 1.99
C GLY A 334 7.07 -8.02 1.48
N LEU A 335 7.97 -7.43 2.27
CA LEU A 335 9.38 -7.51 1.95
C LEU A 335 9.84 -8.96 1.84
N GLY A 336 9.41 -9.81 2.77
CA GLY A 336 9.80 -11.21 2.72
C GLY A 336 9.37 -11.88 1.43
N VAL A 337 8.12 -11.66 1.01
CA VAL A 337 7.61 -12.26 -0.22
C VAL A 337 8.44 -11.80 -1.41
N VAL A 338 8.74 -10.51 -1.48
CA VAL A 338 9.52 -9.98 -2.60
C VAL A 338 10.93 -10.54 -2.57
N MET A 339 11.59 -10.49 -1.41
CA MET A 339 12.94 -11.04 -1.30
C MET A 339 12.95 -12.53 -1.64
N TYR A 340 11.94 -13.27 -1.20
CA TYR A 340 11.90 -14.70 -1.47
C TYR A 340 11.82 -14.98 -2.96
N GLU A 341 10.98 -14.25 -3.68
CA GLU A 341 10.82 -14.49 -5.11
C GLU A 341 12.06 -14.05 -5.89
N MET A 342 12.74 -13.01 -5.43
CA MET A 342 13.96 -12.57 -6.13
C MET A 342 15.07 -13.60 -6.02
N MET A 343 15.27 -14.17 -4.83
CA MET A 343 16.39 -15.07 -4.60
C MET A 343 16.08 -16.52 -4.92
N CYS A 344 14.81 -16.90 -4.97
CA CYS A 344 14.40 -18.27 -5.26
C CYS A 344 13.73 -18.43 -6.62
N GLY A 345 13.34 -17.33 -7.26
CA GLY A 345 12.67 -17.42 -8.55
C GLY A 345 11.30 -18.05 -8.50
N ARG A 346 10.59 -17.89 -7.37
CA ARG A 346 9.31 -18.55 -7.16
C ARG A 346 8.58 -17.84 -6.02
N LEU A 347 7.27 -17.73 -6.14
CA LEU A 347 6.46 -17.22 -5.05
C LEU A 347 6.56 -18.16 -3.85
N PRO A 348 6.57 -17.62 -2.62
CA PRO A 348 6.73 -18.51 -1.45
C PRO A 348 5.62 -19.53 -1.30
N PHE A 349 4.37 -19.09 -1.32
CA PHE A 349 3.21 -19.97 -1.27
C PHE A 349 2.47 -19.85 -2.58
N TYR A 350 1.99 -20.97 -3.12
CA TYR A 350 1.24 -20.93 -4.37
C TYR A 350 0.36 -22.15 -4.50
N ASN A 351 -0.90 -21.92 -4.83
CA ASN A 351 -1.83 -22.99 -5.16
C ASN A 351 -2.99 -22.36 -5.92
N GLN A 352 -3.48 -23.08 -6.94
CA GLN A 352 -4.53 -22.52 -7.78
C GLN A 352 -5.81 -22.28 -6.98
N ASP A 353 -6.13 -23.17 -6.04
CA ASP A 353 -7.32 -23.02 -5.23
C ASP A 353 -7.09 -21.97 -4.14
N HIS A 354 -8.00 -21.00 -4.05
CA HIS A 354 -7.86 -19.96 -3.04
C HIS A 354 -8.03 -20.52 -1.63
N GLU A 355 -8.90 -21.51 -1.46
CA GLU A 355 -9.07 -22.14 -0.16
C GLU A 355 -7.77 -22.79 0.32
N LYS A 356 -7.11 -23.54 -0.57
CA LYS A 356 -5.83 -24.13 -0.22
C LYS A 356 -4.75 -23.08 -0.06
N LEU A 357 -4.81 -22.00 -0.84
CA LEU A 357 -3.81 -20.94 -0.73
C LEU A 357 -3.86 -20.29 0.65
N PHE A 358 -5.06 -19.91 1.10
CA PHE A 358 -5.20 -19.29 2.41
C PHE A 358 -4.57 -20.15 3.50
N GLU A 359 -4.80 -21.47 3.46
CA GLU A 359 -4.19 -22.35 4.43
C GLU A 359 -2.67 -22.35 4.29
N LEU A 360 -2.17 -22.31 3.05
CA LEU A 360 -0.73 -22.21 2.84
C LEU A 360 -0.17 -20.95 3.49
N ILE A 361 -0.84 -19.82 3.26
CA ILE A 361 -0.37 -18.54 3.81
C ILE A 361 -0.59 -18.50 5.31
N LEU A 362 -1.67 -19.11 5.80
CA LEU A 362 -2.01 -19.01 7.21
C LEU A 362 -1.30 -20.06 8.06
N MET A 363 -1.10 -21.26 7.52
CA MET A 363 -0.64 -22.41 8.32
C MET A 363 0.68 -23.00 7.87
N GLU A 364 0.83 -23.30 6.57
CA GLU A 364 2.04 -23.96 6.09
C GLU A 364 3.27 -23.07 6.27
N GLU A 365 4.37 -23.66 6.73
CA GLU A 365 5.60 -22.93 6.95
C GLU A 365 6.41 -22.82 5.66
N ILE A 366 7.10 -21.70 5.50
CA ILE A 366 7.89 -21.45 4.31
C ILE A 366 9.05 -22.43 4.23
N ARG A 367 9.32 -22.93 3.03
CA ARG A 367 10.43 -23.81 2.76
C ARG A 367 11.39 -23.15 1.78
N PHE A 368 12.68 -23.48 1.92
CA PHE A 368 13.71 -22.82 1.13
C PHE A 368 14.48 -23.83 0.28
N PRO A 369 14.92 -23.45 -0.91
CA PRO A 369 15.83 -24.31 -1.66
C PRO A 369 17.20 -24.34 -1.00
N ARG A 370 17.92 -25.44 -1.22
CA ARG A 370 19.23 -25.61 -0.60
C ARG A 370 20.27 -24.65 -1.15
N THR A 371 19.95 -23.90 -2.21
CA THR A 371 20.91 -22.94 -2.76
C THR A 371 21.06 -21.72 -1.86
N LEU A 372 20.05 -21.40 -1.06
CA LEU A 372 20.11 -20.21 -0.22
C LEU A 372 21.09 -20.41 0.93
N GLY A 373 21.89 -19.37 1.20
CA GLY A 373 22.76 -19.37 2.34
C GLY A 373 21.97 -19.18 3.62
N PRO A 374 22.65 -19.33 4.76
CA PRO A 374 21.93 -19.18 6.03
C PRO A 374 21.50 -17.76 6.31
N GLU A 375 22.24 -16.76 5.84
CA GLU A 375 21.83 -15.38 6.06
C GLU A 375 20.57 -15.05 5.27
N ALA A 376 20.48 -15.54 4.03
CA ALA A 376 19.24 -15.36 3.28
C ALA A 376 18.09 -16.12 3.94
N LYS A 377 18.35 -17.33 4.44
CA LYS A 377 17.30 -18.10 5.09
C LYS A 377 16.89 -17.47 6.42
N SER A 378 17.86 -16.95 7.18
CA SER A 378 17.54 -16.32 8.44
C SER A 378 16.68 -15.08 8.24
N LEU A 379 17.00 -14.28 7.23
CA LEU A 379 16.22 -13.08 6.96
C LEU A 379 14.83 -13.45 6.45
N LEU A 380 14.75 -14.37 5.50
CA LEU A 380 13.46 -14.72 4.90
C LEU A 380 12.55 -15.40 5.92
N SER A 381 13.09 -16.29 6.75
CA SER A 381 12.25 -16.92 7.77
C SER A 381 11.86 -15.93 8.85
N GLY A 382 12.71 -14.94 9.14
CA GLY A 382 12.33 -13.90 10.07
C GLY A 382 11.24 -12.99 9.52
N LEU A 383 11.31 -12.70 8.22
CA LEU A 383 10.32 -11.79 7.63
C LEU A 383 8.98 -12.48 7.39
N LEU A 384 8.97 -13.81 7.29
CA LEU A 384 7.75 -14.55 6.96
C LEU A 384 7.19 -15.31 8.16
N LYS A 385 7.55 -14.92 9.37
CA LYS A 385 6.89 -15.49 10.56
C LYS A 385 5.41 -15.14 10.53
N LYS A 386 4.57 -16.12 10.87
CA LYS A 386 3.13 -15.91 10.80
C LYS A 386 2.66 -14.92 11.85
N ASP A 387 3.22 -15.00 13.05
CA ASP A 387 2.85 -14.12 14.16
C ASP A 387 3.53 -12.77 13.99
N PRO A 388 2.77 -11.69 13.75
CA PRO A 388 3.41 -10.38 13.54
C PRO A 388 4.21 -9.89 14.73
N LYS A 389 3.80 -10.24 15.96
CA LYS A 389 4.56 -9.83 17.13
C LYS A 389 5.90 -10.55 17.24
N GLN A 390 6.09 -11.66 16.53
CA GLN A 390 7.35 -12.38 16.49
C GLN A 390 8.10 -12.16 15.18
N ARG A 391 7.53 -11.39 14.25
CA ARG A 391 8.13 -11.21 12.93
C ARG A 391 9.28 -10.22 12.99
N LEU A 392 10.31 -10.48 12.19
CA LEU A 392 11.44 -9.57 12.08
C LEU A 392 10.96 -8.19 11.68
N GLY A 393 11.27 -7.18 12.50
CA GLY A 393 10.77 -5.85 12.28
C GLY A 393 9.42 -5.56 12.89
N GLY A 394 8.82 -6.53 13.59
CA GLY A 394 7.54 -6.32 14.22
C GLY A 394 7.59 -5.71 15.60
N GLY A 395 8.78 -5.58 16.19
CA GLY A 395 8.95 -4.94 17.47
C GLY A 395 8.93 -3.42 17.36
N SER A 396 9.23 -2.78 18.49
CA SER A 396 9.15 -1.33 18.56
C SER A 396 10.26 -0.64 17.78
N GLU A 397 11.33 -1.36 17.43
CA GLU A 397 12.43 -0.79 16.67
C GLU A 397 12.19 -0.81 15.17
N ASP A 398 11.17 -1.54 14.70
CA ASP A 398 10.68 -1.48 13.32
C ASP A 398 11.82 -1.79 12.36
N ALA A 399 12.23 -0.86 11.49
CA ALA A 399 13.16 -1.19 10.42
C ALA A 399 14.58 -1.42 10.92
N LYS A 400 14.91 -0.97 12.13
CA LYS A 400 16.28 -1.12 12.60
C LYS A 400 16.63 -2.57 12.89
N GLU A 401 15.64 -3.38 13.29
CA GLU A 401 15.90 -4.82 13.44
C GLU A 401 16.38 -5.42 12.13
N ILE A 402 15.82 -4.95 11.01
CA ILE A 402 16.16 -5.50 9.71
C ILE A 402 17.47 -4.91 9.19
N MET A 403 17.72 -3.65 9.47
CA MET A 403 18.95 -3.02 9.02
C MET A 403 20.18 -3.63 9.70
N GLN A 404 20.03 -4.08 10.95
CA GLN A 404 21.12 -4.69 11.69
C GLN A 404 21.20 -6.20 11.50
N HIS A 405 20.27 -6.79 10.73
CA HIS A 405 20.34 -8.20 10.44
C HIS A 405 21.60 -8.52 9.63
N ARG A 406 22.18 -9.69 9.88
CA ARG A 406 23.46 -10.02 9.28
C ARG A 406 23.40 -10.14 7.76
N PHE A 407 22.20 -10.29 7.18
CA PHE A 407 22.10 -10.32 5.73
C PHE A 407 22.48 -8.96 5.13
N PHE A 408 22.23 -7.88 5.85
CA PHE A 408 22.58 -6.53 5.40
C PHE A 408 23.87 -6.04 6.04
N ALA A 409 24.73 -6.94 6.49
CA ALA A 409 26.04 -6.54 6.98
C ALA A 409 26.85 -5.90 5.85
N GLY A 410 27.60 -4.86 6.19
CA GLY A 410 28.35 -4.11 5.22
C GLY A 410 27.58 -3.04 4.49
N ILE A 411 26.27 -2.98 4.67
CA ILE A 411 25.45 -1.96 4.03
C ILE A 411 25.49 -0.69 4.87
N VAL A 412 25.99 0.39 4.29
CA VAL A 412 25.96 1.71 4.92
C VAL A 412 24.62 2.36 4.57
N TRP A 413 23.76 2.51 5.58
CA TRP A 413 22.38 2.90 5.32
C TRP A 413 22.23 4.36 4.93
N GLN A 414 23.19 5.22 5.28
CA GLN A 414 23.14 6.58 4.77
C GLN A 414 23.46 6.62 3.28
N HIS A 415 24.37 5.75 2.82
CA HIS A 415 24.69 5.65 1.41
C HIS A 415 23.54 5.09 0.59
N VAL A 416 22.65 4.32 1.21
CA VAL A 416 21.47 3.81 0.51
C VAL A 416 20.51 4.94 0.21
N TYR A 417 20.23 5.78 1.20
CA TYR A 417 19.30 6.89 1.00
C TYR A 417 19.83 7.87 -0.04
N GLU A 418 21.13 8.13 -0.02
CA GLU A 418 21.76 9.11 -0.90
C GLU A 418 22.14 8.52 -2.25
N LYS A 419 21.71 7.30 -2.55
CA LYS A 419 21.93 6.64 -3.85
C LYS A 419 23.41 6.56 -4.21
N LYS A 420 24.28 6.50 -3.21
CA LYS A 420 25.71 6.38 -3.48
C LYS A 420 26.11 4.97 -3.89
N LEU A 421 25.24 4.00 -3.65
CA LEU A 421 25.49 2.64 -4.11
C LEU A 421 25.20 2.54 -5.61
N SER A 422 26.14 1.99 -6.36
CA SER A 422 25.92 1.84 -7.80
C SER A 422 25.01 0.63 -8.06
N PRO A 423 24.01 0.78 -8.92
CA PRO A 423 23.09 -0.32 -9.19
C PRO A 423 23.80 -1.45 -9.91
N PRO A 424 23.52 -2.70 -9.54
CA PRO A 424 24.18 -3.84 -10.21
C PRO A 424 23.63 -4.11 -11.60
N PHE A 425 22.51 -3.51 -11.98
CA PHE A 425 21.92 -3.69 -13.30
C PHE A 425 21.53 -2.33 -13.86
N LYS A 426 21.98 -2.03 -15.08
CA LYS A 426 21.67 -0.78 -15.73
C LYS A 426 20.63 -1.03 -16.81
N PRO A 427 19.40 -0.52 -16.66
CA PRO A 427 18.38 -0.74 -17.69
C PRO A 427 18.80 -0.18 -19.03
N GLN A 428 18.28 -0.77 -20.10
CA GLN A 428 18.71 -0.43 -21.45
C GLN A 428 17.95 0.80 -21.96
N VAL A 429 18.21 1.93 -21.31
CA VAL A 429 17.67 3.22 -21.71
C VAL A 429 18.74 4.28 -21.54
N THR A 430 18.71 5.28 -22.41
CA THR A 430 19.66 6.39 -22.36
C THR A 430 19.06 7.66 -21.78
N SER A 431 17.74 7.80 -21.78
CA SER A 431 17.07 8.95 -21.21
C SER A 431 15.80 8.48 -20.49
N GLU A 432 15.13 9.42 -19.83
CA GLU A 432 13.85 9.12 -19.22
C GLU A 432 12.68 9.26 -20.20
N THR A 433 12.91 9.83 -21.36
CA THR A 433 11.94 9.80 -22.44
C THR A 433 12.12 8.58 -23.34
N ASP A 434 13.17 7.79 -23.11
CA ASP A 434 13.36 6.54 -23.82
C ASP A 434 12.20 5.60 -23.52
N THR A 435 11.58 5.08 -24.57
CA THR A 435 10.34 4.31 -24.47
C THR A 435 10.57 2.82 -24.69
N ARG A 436 11.78 2.33 -24.45
CA ARG A 436 12.12 0.96 -24.83
C ARG A 436 11.31 -0.06 -24.05
N TYR A 437 11.08 0.18 -22.76
CA TYR A 437 10.26 -0.74 -21.97
C TYR A 437 8.78 -0.49 -22.13
N PHE A 438 8.40 0.40 -23.05
CA PHE A 438 7.02 0.54 -23.49
C PHE A 438 6.81 0.03 -24.90
N ASP A 439 7.88 -0.28 -25.64
CA ASP A 439 7.78 -0.80 -27.00
C ASP A 439 7.37 -2.27 -26.96
N GLU A 440 7.28 -2.89 -28.15
CA GLU A 440 6.90 -4.29 -28.28
C GLU A 440 8.07 -5.24 -28.16
N GLU A 441 9.25 -4.74 -27.76
CA GLU A 441 10.29 -5.61 -27.21
C GLU A 441 9.92 -6.09 -25.81
N PHE A 442 8.92 -5.45 -25.18
CA PHE A 442 8.41 -5.88 -23.89
C PHE A 442 7.88 -7.30 -23.93
N THR A 443 7.51 -7.79 -25.12
CA THR A 443 6.98 -9.15 -25.24
C THR A 443 8.05 -10.19 -24.93
N ALA A 444 9.30 -9.93 -25.31
CA ALA A 444 10.40 -10.86 -25.07
C ALA A 444 10.68 -11.02 -23.57
CAA L1Z B . 1.45 8.58 2.02
CAB L1Z B . 2.62 9.04 1.42
CAD L1Z B . 2.71 7.16 0.00
CAE L1Z B . 1.53 6.64 0.57
CAG L1Z B . 3.44 6.56 -1.03
CAH L1Z B . 0.92 5.44 0.20
CAI L1Z B . 3.92 5.24 -0.92
CAJ L1Z B . 4.65 4.68 -1.97
CAK L1Z B . 4.95 5.42 -3.11
CAL L1Z B . 4.49 6.73 -3.21
CAM L1Z B . 3.75 7.29 -2.17
CAN L1Z B . 0.52 4.52 1.18
CAO L1Z B . -0.09 3.32 0.81
CAP L1Z B . -0.34 3.04 -0.53
CAQ L1Z B . 0.05 3.94 -1.50
CAR L1Z B . 0.66 5.14 -1.14
CAS L1Z B . -0.95 1.84 -0.92
CAU L1Z B . -3.24 2.29 -0.37
CAV L1Z B . -4.41 1.93 0.52
CAW L1Z B . -4.74 0.45 0.35
CAX L1Z B . -3.51 -0.39 0.66
CAY L1Z B . -2.38 0.04 -0.26
CBA L1Z B . -6.15 0.22 2.48
CBC L1Z B . -7.81 -0.85 1.66
CBD L1Z B . -6.92 -0.63 0.68
CBE L1Z B . -8.95 -1.52 1.40
CBF L1Z B . -9.24 -1.98 0.11
CBG L1Z B . -8.30 -1.76 -0.89
CBH L1Z B . -7.16 -1.05 -0.55
CBJ L1Z B . -8.76 -3.30 -2.74
CBK L1Z B . -9.14 -4.49 -1.84
CBL L1Z B . -10.34 -5.21 -2.48
CBO L1Z B . 3.17 10.25 1.83
NAC L1Z B . 3.20 8.33 0.44
NAF L1Z B . 0.91 7.36 1.59
NAT L1Z B . -2.06 1.46 -0.04
NAZ L1Z B . -5.90 0.04 1.19
NBB L1Z B . -7.33 -0.33 2.79
NBI L1Z B . -8.42 -2.09 -2.20
OBM L1Z B . -8.80 -3.46 -3.96
OBN L1Z B . -5.41 0.80 3.29
OBP L1Z B . 0.91 9.22 2.93
#